data_5ZK7
#
_entry.id   5ZK7
#
_cell.length_a   57.350
_cell.length_b   68.170
_cell.length_c   111.010
_cell.angle_alpha   90.00
_cell.angle_beta   90.00
_cell.angle_gamma   90.00
#
_symmetry.space_group_name_H-M   'P 21 21 21'
#
loop_
_entity.id
_entity.type
_entity.pdbx_description
1 polymer 'Eukaryotic translation initiation factor 4E'
2 polymer ACE-ARG-TYR-SER-ARG-MK8-GLN-LEU-LEU-MK8-LEU-PHE-ARG-NH2
3 non-polymer "7N-METHYL-8-HYDROGUANOSINE-5'-TRIPHOSPHATE"
4 non-polymer 'IODIDE ION'
5 non-polymer GLYCEROL
6 non-polymer 'CHLORIDE ION'
7 water water
#
loop_
_entity_poly.entity_id
_entity_poly.type
_entity_poly.pdbx_seq_one_letter_code
_entity_poly.pdbx_strand_id
1 'polypeptide(L)'
;MVANPEHYIKHPLQNRWALWFFKNDKSKTWQANLRLISKFDTVEDFWALYNHIQLSSNLMPGCDYSLFKDGIEPMWEDEK
NKRGGRWLITLNKQQRRSDLDRFWLETLLCLIGESFDDYSDDVCGAVVNVRAKGDKIAIWTTECENREAVTHIGRVYKER
LGLPPKIVIGYQSHADTATKSGSTTKNRFVV
;
A,B
2 'polypeptide(L)' (ACE)RYSR(MK8)QLL(MK8)LFR(NH2) C,D
#
loop_
_chem_comp.id
_chem_comp.type
_chem_comp.name
_chem_comp.formula
ACE non-polymer 'ACETYL GROUP' 'C2 H4 O'
CL non-polymer 'CHLORIDE ION' 'Cl -1'
GOL non-polymer GLYCEROL 'C3 H8 O3'
IOD non-polymer 'IODIDE ION' 'I -1'
MGT non-polymer 7N-METHYL-8-HYDROGUANOSINE-5'-TRIPHOSPHATE 'C11 H20 N5 O14 P3'
NH2 non-polymer 'AMINO GROUP' 'H2 N'
#
# COMPACT_ATOMS: atom_id res chain seq x y z
N ALA A 3 -12.80 11.07 -17.63
CA ALA A 3 -12.90 12.38 -16.93
C ALA A 3 -12.73 12.22 -15.42
N ASN A 4 -11.88 13.04 -14.81
CA ASN A 4 -11.73 13.07 -13.36
C ASN A 4 -12.86 13.91 -12.77
N PRO A 5 -13.78 13.27 -12.04
CA PRO A 5 -14.91 14.03 -11.51
C PRO A 5 -14.51 14.91 -10.32
N GLU A 6 -15.28 15.96 -10.10
CA GLU A 6 -15.12 16.79 -8.91
C GLU A 6 -15.44 16.00 -7.63
N HIS A 7 -16.38 15.06 -7.73
CA HIS A 7 -16.78 14.20 -6.62
C HIS A 7 -16.61 12.74 -7.00
N TYR A 8 -15.51 12.16 -6.53
CA TYR A 8 -15.17 10.76 -6.77
C TYR A 8 -16.01 9.85 -5.86
N ILE A 9 -16.62 8.83 -6.47
CA ILE A 9 -17.48 7.87 -5.75
C ILE A 9 -16.69 6.58 -5.50
N LYS A 10 -16.55 6.23 -4.22
CA LYS A 10 -15.81 5.04 -3.81
C LYS A 10 -16.59 3.75 -4.15
N HIS A 11 -15.88 2.64 -4.14
CA HIS A 11 -16.44 1.35 -4.58
C HIS A 11 -16.79 0.54 -3.34
N PRO A 12 -18.10 0.33 -3.10
CA PRO A 12 -18.52 -0.31 -1.84
C PRO A 12 -18.18 -1.80 -1.75
N LEU A 13 -17.68 -2.22 -0.60
CA LEU A 13 -17.41 -3.62 -0.32
C LEU A 13 -18.71 -4.36 0.00
N GLN A 14 -18.72 -5.66 -0.24
CA GLN A 14 -19.88 -6.50 0.09
C GLN A 14 -20.26 -6.41 1.57
N ASN A 15 -19.26 -6.31 2.44
CA ASN A 15 -19.47 -6.18 3.87
C ASN A 15 -18.70 -4.99 4.43
N ARG A 16 -19.20 -4.45 5.56
CA ARG A 16 -18.45 -3.48 6.36
C ARG A 16 -17.54 -4.26 7.30
N TRP A 17 -16.33 -3.74 7.49
CA TRP A 17 -15.26 -4.42 8.23
C TRP A 17 -14.73 -3.50 9.32
N ALA A 18 -14.19 -4.12 10.37
CA ALA A 18 -13.63 -3.40 11.50
C ALA A 18 -12.25 -3.94 11.82
N LEU A 19 -11.27 -3.04 11.94
CA LEU A 19 -9.91 -3.40 12.30
C LEU A 19 -9.75 -3.23 13.80
N TRP A 20 -9.24 -4.28 14.45
CA TRP A 20 -9.00 -4.30 15.89
C TRP A 20 -7.51 -4.43 16.20
N PHE A 21 -7.13 -3.98 17.39
CA PHE A 21 -5.76 -4.07 17.89
C PHE A 21 -5.74 -4.62 19.31
N PHE A 22 -4.88 -5.60 19.55
CA PHE A 22 -4.67 -6.17 20.88
C PHE A 22 -3.24 -5.86 21.30
N LYS A 23 -3.04 -5.52 22.57
CA LYS A 23 -1.72 -5.16 23.12
C LYS A 23 -1.24 -6.21 24.11
N TRP A 30 -7.92 -9.44 29.69
CA TRP A 30 -7.73 -9.76 28.28
C TRP A 30 -8.61 -8.88 27.39
N GLN A 31 -9.91 -8.88 27.66
CA GLN A 31 -10.87 -8.05 26.93
C GLN A 31 -10.70 -6.55 27.18
N ALA A 32 -9.96 -6.18 28.22
CA ALA A 32 -9.49 -4.80 28.41
C ALA A 32 -8.55 -4.35 27.29
N ASN A 33 -7.60 -5.22 26.93
CA ASN A 33 -6.56 -4.90 25.93
C ASN A 33 -7.02 -4.83 24.47
N LEU A 34 -8.26 -5.24 24.16
CA LEU A 34 -8.83 -5.05 22.81
C LEU A 34 -9.18 -3.58 22.56
N ARG A 35 -8.95 -3.15 21.31
CA ARG A 35 -9.24 -1.77 20.89
C ARG A 35 -9.66 -1.74 19.42
N LEU A 36 -10.84 -1.19 19.15
CA LEU A 36 -11.32 -0.95 17.78
C LEU A 36 -10.60 0.26 17.20
N ILE A 37 -9.82 0.05 16.13
CA ILE A 37 -9.07 1.13 15.46
C ILE A 37 -9.96 1.92 14.51
N SER A 38 -10.60 1.22 13.57
CA SER A 38 -11.34 1.87 12.48
C SER A 38 -12.27 0.90 11.77
N LYS A 39 -13.35 1.44 11.20
CA LYS A 39 -14.26 0.68 10.34
C LYS A 39 -14.22 1.24 8.92
N PHE A 40 -14.54 0.37 7.95
CA PHE A 40 -14.60 0.76 6.54
C PHE A 40 -15.53 -0.16 5.76
N ASP A 41 -16.08 0.35 4.66
CA ASP A 41 -16.88 -0.46 3.74
C ASP A 41 -16.70 -0.09 2.26
N THR A 42 -15.59 0.57 1.92
CA THR A 42 -15.21 0.72 0.51
C THR A 42 -13.78 0.25 0.32
N VAL A 43 -13.44 -0.07 -0.92
CA VAL A 43 -12.10 -0.53 -1.30
C VAL A 43 -11.07 0.57 -1.02
N GLU A 44 -11.41 1.80 -1.39
CA GLU A 44 -10.53 2.95 -1.22
C GLU A 44 -10.29 3.27 0.26
N ASP A 45 -11.32 3.13 1.09
CA ASP A 45 -11.17 3.33 2.54
C ASP A 45 -10.33 2.23 3.17
N PHE A 46 -10.43 1.00 2.67
CA PHE A 46 -9.50 -0.05 3.09
C PHE A 46 -8.06 0.37 2.84
N TRP A 47 -7.76 0.79 1.60
CA TRP A 47 -6.39 1.18 1.24
C TRP A 47 -5.90 2.38 2.05
N ALA A 48 -6.77 3.35 2.32
CA ALA A 48 -6.39 4.51 3.16
C ALA A 48 -6.00 4.07 4.57
N LEU A 49 -6.74 3.12 5.13
CA LEU A 49 -6.43 2.56 6.46
C LEU A 49 -5.13 1.77 6.44
N TYR A 50 -5.01 0.84 5.49
CA TYR A 50 -3.81 0.00 5.37
C TYR A 50 -2.53 0.82 5.17
N ASN A 51 -2.64 1.85 4.33
CA ASN A 51 -1.51 2.74 4.01
C ASN A 51 -0.99 3.47 5.26
N HIS A 52 -1.90 3.83 6.18
CA HIS A 52 -1.56 4.64 7.35
C HIS A 52 -1.01 3.89 8.56
N ILE A 53 -1.50 2.67 8.80
CA ILE A 53 -1.12 1.92 10.01
C ILE A 53 0.21 1.15 9.88
N GLN A 54 0.80 0.81 11.04
CA GLN A 54 2.04 0.03 11.10
C GLN A 54 1.87 -1.35 10.48
N LEU A 55 2.92 -1.86 9.86
CA LEU A 55 2.96 -3.24 9.39
C LEU A 55 2.97 -4.18 10.60
N SER A 56 2.38 -5.35 10.41
CA SER A 56 2.40 -6.42 11.43
C SER A 56 3.84 -6.72 11.88
N SER A 57 4.78 -6.73 10.95
CA SER A 57 6.20 -6.96 11.24
C SER A 57 6.85 -5.93 12.16
N ASN A 58 6.25 -4.74 12.25
CA ASN A 58 6.77 -3.66 13.09
C ASN A 58 6.12 -3.58 14.49
N LEU A 59 5.14 -4.44 14.78
CA LEU A 59 4.47 -4.44 16.09
C LEU A 59 5.32 -5.05 17.20
N MET A 60 5.00 -4.68 18.44
CA MET A 60 5.65 -5.22 19.64
C MET A 60 5.28 -6.70 19.81
N PRO A 61 6.12 -7.49 20.52
CA PRO A 61 5.73 -8.86 20.84
C PRO A 61 4.44 -8.91 21.67
N GLY A 62 3.58 -9.88 21.37
CA GLY A 62 2.30 -10.05 22.08
C GLY A 62 1.14 -9.18 21.58
N CYS A 63 1.32 -8.46 20.48
CA CYS A 63 0.24 -7.68 19.88
C CYS A 63 -0.44 -8.46 18.75
N ASP A 64 -1.72 -8.17 18.52
CA ASP A 64 -2.47 -8.70 17.37
C ASP A 64 -3.12 -7.58 16.57
N TYR A 65 -3.29 -7.82 15.27
CA TYR A 65 -4.30 -7.15 14.47
C TYR A 65 -5.41 -8.17 14.21
N SER A 66 -6.65 -7.71 14.15
CA SER A 66 -7.76 -8.53 13.68
C SER A 66 -8.64 -7.72 12.73
N LEU A 67 -9.12 -8.34 11.65
CA LEU A 67 -10.15 -7.77 10.80
C LEU A 67 -11.36 -8.69 10.81
N PHE A 68 -12.49 -8.18 11.29
CA PHE A 68 -13.73 -8.94 11.40
C PHE A 68 -14.89 -8.14 10.83
N LYS A 69 -15.89 -8.87 10.35
CA LYS A 69 -17.12 -8.27 9.85
C LYS A 69 -17.76 -7.42 10.96
N ASP A 70 -18.39 -6.32 10.55
CA ASP A 70 -19.05 -5.39 11.46
C ASP A 70 -20.04 -6.13 12.36
N GLY A 71 -19.93 -5.91 13.67
CA GLY A 71 -20.78 -6.58 14.66
C GLY A 71 -20.30 -7.93 15.19
N ILE A 72 -19.16 -8.41 14.71
CA ILE A 72 -18.52 -9.61 15.27
C ILE A 72 -17.27 -9.16 16.01
N GLU A 73 -17.21 -9.45 17.31
CA GLU A 73 -16.00 -9.22 18.09
C GLU A 73 -14.99 -10.32 17.81
N PRO A 74 -13.69 -9.99 17.80
CA PRO A 74 -12.64 -10.97 17.53
C PRO A 74 -12.29 -11.78 18.79
N MET A 75 -13.24 -12.60 19.24
CA MET A 75 -13.08 -13.42 20.43
C MET A 75 -13.96 -14.67 20.33
N TRP A 76 -13.52 -15.75 20.96
CA TRP A 76 -14.20 -17.06 20.88
C TRP A 76 -15.67 -16.97 21.30
N GLU A 77 -15.95 -16.16 22.32
CA GLU A 77 -17.27 -16.11 22.96
C GLU A 77 -18.38 -15.39 22.18
N ASP A 78 -18.03 -14.67 21.10
CA ASP A 78 -19.04 -14.03 20.24
C ASP A 78 -19.94 -15.11 19.61
N GLU A 79 -21.22 -14.77 19.43
CA GLU A 79 -22.22 -15.70 18.87
C GLU A 79 -21.81 -16.28 17.50
N LYS A 80 -21.24 -15.43 16.64
CA LYS A 80 -20.74 -15.88 15.33
C LYS A 80 -19.44 -16.71 15.39
N ASN A 81 -18.74 -16.68 16.54
CA ASN A 81 -17.49 -17.44 16.73
C ASN A 81 -17.61 -18.70 17.61
N LYS A 82 -18.49 -18.69 18.62
CA LYS A 82 -18.69 -19.83 19.56
C LYS A 82 -18.54 -21.24 18.97
N ARG A 83 -19.35 -21.52 17.95
CA ARG A 83 -19.39 -22.84 17.30
C ARG A 83 -18.33 -23.01 16.20
N GLY A 84 -17.50 -21.99 15.98
CA GLY A 84 -16.58 -21.95 14.85
C GLY A 84 -15.18 -22.45 15.15
N GLY A 85 -14.24 -22.01 14.31
CA GLY A 85 -12.84 -22.44 14.39
C GLY A 85 -11.97 -21.59 13.46
N ARG A 86 -10.72 -22.02 13.26
CA ARG A 86 -9.78 -21.24 12.48
C ARG A 86 -8.84 -22.11 11.65
N TRP A 87 -8.54 -21.67 10.44
CA TRP A 87 -7.44 -22.21 9.65
C TRP A 87 -6.18 -21.49 10.11
N LEU A 88 -5.22 -22.22 10.65
CA LEU A 88 -4.04 -21.62 11.27
C LEU A 88 -2.82 -21.76 10.38
N ILE A 89 -2.15 -20.64 10.15
CA ILE A 89 -0.82 -20.60 9.53
C ILE A 89 0.16 -20.27 10.65
N THR A 90 1.14 -21.14 10.87
CA THR A 90 2.24 -20.86 11.80
C THR A 90 3.47 -20.49 10.99
N LEU A 91 4.08 -19.36 11.31
CA LEU A 91 5.33 -18.93 10.70
C LEU A 91 6.47 -19.24 11.67
N ASN A 92 7.66 -19.53 11.15
CA ASN A 92 8.87 -19.59 11.98
C ASN A 92 9.41 -18.18 12.19
N LYS A 93 10.39 -18.03 13.08
CA LYS A 93 10.92 -16.72 13.46
C LYS A 93 11.58 -15.96 12.28
N GLN A 94 12.24 -16.69 11.38
CA GLN A 94 12.88 -16.10 10.20
C GLN A 94 11.88 -15.51 9.19
N GLN A 95 10.69 -16.12 9.10
CA GLN A 95 9.65 -15.67 8.17
C GLN A 95 9.02 -14.30 8.45
N ARG A 96 9.26 -13.71 9.62
CA ARG A 96 8.75 -12.37 9.93
C ARG A 96 9.13 -11.33 8.89
N ARG A 97 10.38 -11.40 8.42
CA ARG A 97 10.88 -10.48 7.40
C ARG A 97 10.30 -10.79 6.01
N SER A 98 10.38 -12.06 5.60
CA SER A 98 10.01 -12.46 4.24
C SER A 98 8.50 -12.60 3.99
N ASP A 99 7.76 -13.16 4.96
CA ASP A 99 6.37 -13.63 4.72
C ASP A 99 5.22 -12.98 5.51
N LEU A 100 5.48 -12.42 6.69
CA LEU A 100 4.41 -11.99 7.60
C LEU A 100 3.49 -10.92 6.99
N ASP A 101 4.08 -9.80 6.59
CA ASP A 101 3.32 -8.68 6.03
C ASP A 101 2.61 -9.07 4.74
N ARG A 102 3.33 -9.81 3.90
CA ARG A 102 2.83 -10.32 2.63
C ARG A 102 1.62 -11.24 2.85
N PHE A 103 1.74 -12.19 3.79
CA PHE A 103 0.62 -13.10 4.10
C PHE A 103 -0.58 -12.40 4.73
N TRP A 104 -0.32 -11.41 5.58
CA TRP A 104 -1.38 -10.67 6.25
C TRP A 104 -2.20 -9.80 5.28
N LEU A 105 -1.51 -9.08 4.41
CA LEU A 105 -2.18 -8.29 3.35
C LEU A 105 -3.05 -9.18 2.47
N GLU A 106 -2.51 -10.31 2.05
CA GLU A 106 -3.25 -11.23 1.18
C GLU A 106 -4.47 -11.83 1.90
N THR A 107 -4.35 -12.05 3.22
CA THR A 107 -5.45 -12.49 4.06
C THR A 107 -6.55 -11.41 4.08
N LEU A 108 -6.16 -10.16 4.31
CA LEU A 108 -7.09 -9.02 4.28
C LEU A 108 -7.85 -8.94 2.94
N LEU A 109 -7.12 -9.17 1.84
CA LEU A 109 -7.73 -9.15 0.50
C LEU A 109 -8.70 -10.31 0.28
N CYS A 110 -8.37 -11.50 0.77
CA CYS A 110 -9.31 -12.65 0.75
C CYS A 110 -10.63 -12.33 1.48
N LEU A 111 -10.53 -11.60 2.60
CA LEU A 111 -11.69 -11.22 3.39
C LEU A 111 -12.55 -10.19 2.67
N ILE A 112 -11.98 -9.01 2.41
CA ILE A 112 -12.75 -7.90 1.84
C ILE A 112 -13.21 -8.19 0.41
N GLY A 113 -12.44 -9.02 -0.31
CA GLY A 113 -12.79 -9.45 -1.66
C GLY A 113 -13.78 -10.58 -1.76
N GLU A 114 -14.19 -11.16 -0.64
CA GLU A 114 -15.16 -12.27 -0.61
C GLU A 114 -14.68 -13.41 -1.51
N SER A 115 -13.43 -13.82 -1.31
CA SER A 115 -12.73 -14.69 -2.26
C SER A 115 -13.09 -16.17 -2.19
N PHE A 116 -13.98 -16.57 -1.27
CA PHE A 116 -14.35 -17.97 -1.07
C PHE A 116 -15.72 -18.37 -1.63
N ASP A 117 -16.14 -17.67 -2.70
CA ASP A 117 -17.37 -17.97 -3.45
C ASP A 117 -18.62 -17.95 -2.55
N ASP A 118 -19.44 -19.02 -2.54
CA ASP A 118 -20.63 -19.09 -1.69
C ASP A 118 -20.29 -19.12 -0.20
N TYR A 119 -19.12 -19.65 0.14
CA TYR A 119 -18.73 -19.92 1.52
C TYR A 119 -18.06 -18.75 2.24
N SER A 120 -17.90 -17.61 1.56
CA SER A 120 -17.45 -16.38 2.23
C SER A 120 -18.39 -15.88 3.36
N ASP A 121 -19.67 -16.28 3.32
CA ASP A 121 -20.59 -16.06 4.44
C ASP A 121 -20.18 -16.75 5.76
N ASP A 122 -19.47 -17.87 5.66
CA ASP A 122 -18.94 -18.55 6.85
C ASP A 122 -17.76 -17.82 7.49
N VAL A 123 -17.06 -16.97 6.74
CA VAL A 123 -15.90 -16.26 7.24
C VAL A 123 -16.35 -15.15 8.19
N CYS A 124 -15.83 -15.19 9.42
CA CYS A 124 -16.08 -14.14 10.41
C CYS A 124 -15.00 -13.06 10.35
N GLY A 125 -13.75 -13.48 10.23
CA GLY A 125 -12.64 -12.56 10.15
C GLY A 125 -11.30 -13.24 10.14
N ALA A 126 -10.26 -12.48 10.49
CA ALA A 126 -8.90 -13.00 10.58
C ALA A 126 -8.08 -12.30 11.65
N VAL A 127 -7.05 -13.00 12.13
CA VAL A 127 -6.21 -12.53 13.22
C VAL A 127 -4.76 -12.84 12.89
N VAL A 128 -3.88 -11.88 13.14
CA VAL A 128 -2.44 -12.09 13.08
C VAL A 128 -1.87 -11.88 14.49
N ASN A 129 -1.14 -12.89 14.98
CA ASN A 129 -0.47 -12.82 16.27
C ASN A 129 1.01 -12.57 16.03
N VAL A 130 1.52 -11.48 16.58
CA VAL A 130 2.95 -11.16 16.53
C VAL A 130 3.58 -11.66 17.84
N ARG A 131 4.43 -12.68 17.72
CA ARG A 131 5.01 -13.37 18.89
C ARG A 131 6.49 -13.65 18.72
N ALA A 132 7.20 -13.76 19.84
CA ALA A 132 8.63 -14.09 19.86
C ALA A 132 8.90 -15.55 19.49
N LYS A 133 8.00 -16.44 19.91
CA LYS A 133 8.09 -17.87 19.56
C LYS A 133 7.87 -18.16 18.06
N GLY A 134 7.19 -17.25 17.37
CA GLY A 134 6.88 -17.39 15.95
C GLY A 134 5.51 -16.82 15.68
N ASP A 135 5.35 -16.14 14.54
CA ASP A 135 4.12 -15.43 14.23
C ASP A 135 3.05 -16.40 13.75
N LYS A 136 1.78 -16.02 13.94
CA LYS A 136 0.63 -16.83 13.50
C LYS A 136 -0.41 -15.96 12.80
N ILE A 137 -0.97 -16.48 11.71
CA ILE A 137 -2.11 -15.86 11.01
C ILE A 137 -3.22 -16.91 10.92
N ALA A 138 -4.47 -16.46 11.09
CA ALA A 138 -5.61 -17.36 11.03
C ALA A 138 -6.86 -16.73 10.45
N ILE A 139 -7.59 -17.47 9.61
CA ILE A 139 -8.94 -17.09 9.20
C ILE A 139 -9.94 -17.82 10.10
N TRP A 140 -10.81 -17.04 10.73
CA TRP A 140 -11.84 -17.54 11.63
C TRP A 140 -13.16 -17.71 10.86
N THR A 141 -13.73 -18.92 10.93
CA THR A 141 -15.02 -19.22 10.31
C THR A 141 -16.10 -19.51 11.37
N THR A 142 -17.36 -19.44 10.99
CA THR A 142 -18.46 -19.38 11.96
C THR A 142 -18.92 -20.72 12.54
N GLU A 143 -18.70 -21.81 11.81
CA GLU A 143 -19.25 -23.11 12.18
C GLU A 143 -18.29 -24.24 11.79
N CYS A 144 -17.66 -24.84 12.80
CA CYS A 144 -16.64 -25.89 12.58
C CYS A 144 -17.19 -27.17 11.94
N GLU A 145 -18.50 -27.40 12.07
CA GLU A 145 -19.16 -28.57 11.47
C GLU A 145 -19.65 -28.34 10.03
N ASN A 146 -19.55 -27.11 9.51
CA ASN A 146 -19.80 -26.84 8.08
C ASN A 146 -18.59 -27.34 7.29
N ARG A 147 -18.55 -28.65 7.05
CA ARG A 147 -17.38 -29.31 6.44
C ARG A 147 -17.07 -28.83 5.03
N GLU A 148 -18.11 -28.60 4.23
CA GLU A 148 -17.95 -28.17 2.83
C GLU A 148 -17.40 -26.74 2.73
N ALA A 149 -17.87 -25.86 3.61
CA ALA A 149 -17.39 -24.46 3.66
C ALA A 149 -15.96 -24.37 4.19
N VAL A 150 -15.69 -25.06 5.31
CA VAL A 150 -14.36 -25.07 5.94
C VAL A 150 -13.30 -25.61 4.99
N THR A 151 -13.65 -26.68 4.27
CA THR A 151 -12.77 -27.31 3.28
C THR A 151 -12.44 -26.37 2.11
N HIS A 152 -13.46 -25.73 1.54
CA HIS A 152 -13.28 -24.81 0.41
C HIS A 152 -12.46 -23.57 0.82
N ILE A 153 -12.76 -23.01 1.98
CA ILE A 153 -12.04 -21.81 2.48
C ILE A 153 -10.56 -22.13 2.64
N GLY A 154 -10.26 -23.26 3.29
CA GLY A 154 -8.89 -23.72 3.52
C GLY A 154 -8.05 -23.88 2.28
N ARG A 155 -8.58 -24.61 1.30
CA ARG A 155 -7.87 -24.84 0.03
C ARG A 155 -7.54 -23.54 -0.68
N VAL A 156 -8.54 -22.67 -0.83
CA VAL A 156 -8.36 -21.41 -1.56
C VAL A 156 -7.38 -20.50 -0.81
N TYR A 157 -7.56 -20.39 0.50
CA TYR A 157 -6.73 -19.53 1.33
C TYR A 157 -5.25 -19.94 1.26
N LYS A 158 -5.00 -21.23 1.50
CA LYS A 158 -3.65 -21.80 1.41
C LYS A 158 -3.01 -21.52 0.05
N GLU A 159 -3.77 -21.72 -1.02
CA GLU A 159 -3.29 -21.48 -2.39
C GLU A 159 -3.16 -19.99 -2.74
N ARG A 160 -3.97 -19.13 -2.13
CA ARG A 160 -3.83 -17.67 -2.29
C ARG A 160 -2.56 -17.15 -1.61
N LEU A 161 -2.23 -17.68 -0.43
CA LEU A 161 -0.99 -17.34 0.27
C LEU A 161 0.27 -17.87 -0.43
N GLY A 162 0.12 -18.95 -1.21
CA GLY A 162 1.24 -19.55 -1.95
C GLY A 162 2.16 -20.37 -1.05
N LEU A 163 1.57 -21.13 -0.14
CA LEU A 163 2.32 -21.90 0.83
C LEU A 163 2.87 -23.15 0.15
N PRO A 164 4.13 -23.55 0.46
CA PRO A 164 4.78 -24.71 -0.16
C PRO A 164 3.87 -25.96 -0.25
N PRO A 165 3.83 -26.64 -1.41
CA PRO A 165 3.10 -27.91 -1.57
C PRO A 165 3.41 -28.96 -0.50
N LYS A 166 4.66 -28.98 -0.04
CA LYS A 166 5.11 -29.91 1.01
C LYS A 166 4.39 -29.77 2.34
N ILE A 167 4.21 -28.53 2.81
CA ILE A 167 3.62 -28.29 4.13
C ILE A 167 2.08 -28.32 4.11
N VAL A 168 1.51 -28.73 5.24
CA VAL A 168 0.07 -28.86 5.45
C VAL A 168 -0.34 -27.82 6.50
N ILE A 169 -1.55 -27.29 6.37
CA ILE A 169 -2.13 -26.43 7.41
C ILE A 169 -3.36 -27.10 8.01
N GLY A 170 -3.71 -26.71 9.23
CA GLY A 170 -4.76 -27.37 10.01
C GLY A 170 -5.86 -26.43 10.46
N TYR A 171 -7.07 -26.99 10.59
CA TYR A 171 -8.23 -26.28 11.13
C TYR A 171 -8.56 -26.80 12.53
N GLN A 172 -8.52 -25.90 13.52
CA GLN A 172 -8.87 -26.21 14.91
C GLN A 172 -10.21 -25.56 15.22
N SER A 173 -11.07 -26.27 15.94
CA SER A 173 -12.25 -25.63 16.53
C SER A 173 -11.80 -24.75 17.69
N HIS A 174 -12.53 -23.66 17.93
CA HIS A 174 -12.26 -22.79 19.08
C HIS A 174 -12.55 -23.51 20.41
N ALA A 175 -13.48 -24.46 20.40
CA ALA A 175 -13.80 -25.31 21.55
C ALA A 175 -12.58 -26.10 22.04
N ASP A 176 -11.90 -26.78 21.11
CA ASP A 176 -10.71 -27.58 21.44
C ASP A 176 -9.49 -26.74 21.80
N THR A 177 -9.41 -25.50 21.31
CA THR A 177 -8.35 -24.57 21.70
C THR A 177 -8.58 -24.00 23.11
N ALA A 178 -9.83 -23.94 23.55
CA ALA A 178 -10.22 -23.33 24.84
C ALA A 178 -9.99 -24.22 26.08
N THR A 179 -9.96 -25.55 25.91
CA THR A 179 -9.88 -26.48 27.04
C THR A 179 -8.52 -26.43 27.76
N THR A 185 -4.04 -29.18 20.83
CA THR A 185 -5.29 -29.08 20.07
C THR A 185 -5.20 -29.86 18.76
N LYS A 186 -6.04 -30.89 18.62
CA LYS A 186 -6.08 -31.72 17.42
C LYS A 186 -6.76 -30.99 16.25
N ASN A 187 -6.36 -31.34 15.03
CA ASN A 187 -6.90 -30.73 13.82
C ASN A 187 -8.19 -31.44 13.39
N ARG A 188 -9.26 -30.68 13.23
CA ARG A 188 -10.53 -31.19 12.71
C ARG A 188 -10.47 -31.40 11.19
N PHE A 189 -9.73 -30.54 10.47
CA PHE A 189 -9.48 -30.71 9.02
C PHE A 189 -8.04 -30.37 8.67
N VAL A 190 -7.64 -30.76 7.45
CA VAL A 190 -6.28 -30.55 6.93
C VAL A 190 -6.31 -30.29 5.42
N VAL A 191 -5.46 -29.38 4.94
CA VAL A 191 -5.25 -29.13 3.51
C VAL A 191 -3.80 -28.73 3.21
N GLU B 6 18.14 -21.56 -8.61
CA GLU B 6 17.43 -20.29 -8.26
C GLU B 6 15.92 -20.41 -8.51
N HIS B 7 15.18 -19.31 -8.34
CA HIS B 7 13.72 -19.38 -8.15
C HIS B 7 12.96 -18.16 -8.76
N TYR B 8 12.41 -17.25 -7.94
CA TYR B 8 11.56 -16.16 -8.43
C TYR B 8 12.38 -15.08 -9.13
N ILE B 9 11.98 -14.70 -10.35
CA ILE B 9 12.66 -13.67 -11.14
C ILE B 9 11.85 -12.38 -11.09
N LYS B 10 12.45 -11.34 -10.53
CA LYS B 10 11.78 -10.05 -10.39
C LYS B 10 11.61 -9.38 -11.74
N HIS B 11 10.74 -8.39 -11.78
CA HIS B 11 10.35 -7.70 -12.99
C HIS B 11 11.16 -6.42 -13.06
N PRO B 12 12.17 -6.36 -13.95
CA PRO B 12 13.07 -5.21 -13.94
C PRO B 12 12.46 -3.95 -14.54
N LEU B 13 12.82 -2.80 -13.98
CA LEU B 13 12.38 -1.50 -14.44
C LEU B 13 13.26 -0.98 -15.57
N GLN B 14 12.76 0.00 -16.31
CA GLN B 14 13.47 0.57 -17.45
C GLN B 14 14.63 1.40 -16.95
N ASN B 15 14.41 2.07 -15.81
CA ASN B 15 15.46 2.83 -15.14
C ASN B 15 15.69 2.34 -13.72
N ARG B 16 16.91 2.53 -13.25
CA ARG B 16 17.24 2.39 -11.83
C ARG B 16 16.94 3.73 -11.16
N TRP B 17 16.35 3.65 -9.97
CA TRP B 17 15.83 4.81 -9.25
C TRP B 17 16.45 4.88 -7.87
N ALA B 18 16.63 6.10 -7.36
CA ALA B 18 17.16 6.33 -6.02
C ALA B 18 16.20 7.21 -5.23
N LEU B 19 15.85 6.76 -4.02
CA LEU B 19 15.03 7.53 -3.10
C LEU B 19 15.93 8.34 -2.16
N TRP B 20 15.66 9.63 -2.03
CA TRP B 20 16.43 10.54 -1.18
C TRP B 20 15.54 11.13 -0.10
N PHE B 21 16.15 11.43 1.05
CA PHE B 21 15.51 12.11 2.17
C PHE B 21 16.24 13.42 2.43
N PHE B 22 15.48 14.46 2.74
CA PHE B 22 16.02 15.76 3.14
C PHE B 22 15.55 16.04 4.56
N LYS B 23 16.49 16.16 5.50
CA LYS B 23 16.19 16.58 6.88
C LYS B 23 16.28 18.10 6.99
N ASN B 24 15.61 18.68 7.98
CA ASN B 24 15.47 20.13 8.08
C ASN B 24 16.78 20.82 8.47
N ASP B 25 17.36 20.40 9.61
CA ASP B 25 18.62 20.98 10.10
C ASP B 25 19.27 20.09 11.16
N TRP B 30 22.85 23.00 2.87
CA TRP B 30 21.65 22.43 2.26
C TRP B 30 21.95 21.05 1.68
N GLN B 31 23.02 20.96 0.88
CA GLN B 31 23.44 19.70 0.26
C GLN B 31 23.77 18.59 1.28
N ALA B 32 24.32 18.98 2.44
CA ALA B 32 24.64 18.03 3.51
C ALA B 32 23.39 17.38 4.16
N ASN B 33 22.24 18.05 4.05
CA ASN B 33 20.97 17.50 4.54
C ASN B 33 20.33 16.45 3.61
N LEU B 34 20.83 16.31 2.38
CA LEU B 34 20.41 15.22 1.48
C LEU B 34 21.08 13.91 1.89
N ARG B 35 20.28 12.85 1.99
CA ARG B 35 20.77 11.50 2.27
C ARG B 35 20.11 10.51 1.31
N LEU B 36 20.92 9.68 0.65
CA LEU B 36 20.42 8.57 -0.16
C LEU B 36 19.89 7.49 0.77
N ILE B 37 18.61 7.18 0.68
CA ILE B 37 18.00 6.10 1.46
C ILE B 37 18.35 4.77 0.82
N SER B 38 17.91 4.60 -0.43
CA SER B 38 18.05 3.34 -1.14
C SER B 38 17.88 3.50 -2.64
N LYS B 39 18.34 2.50 -3.38
CA LYS B 39 18.12 2.40 -4.81
C LYS B 39 17.37 1.10 -5.14
N PHE B 40 16.72 1.08 -6.29
CA PHE B 40 16.00 -0.10 -6.76
C PHE B 40 15.86 -0.05 -8.28
N ASP B 41 15.78 -1.22 -8.89
CA ASP B 41 15.50 -1.33 -10.33
C ASP B 41 14.56 -2.47 -10.71
N THR B 42 13.77 -2.97 -9.76
CA THR B 42 12.68 -3.90 -10.06
C THR B 42 11.39 -3.40 -9.42
N VAL B 43 10.27 -3.92 -9.91
CA VAL B 43 8.94 -3.58 -9.39
C VAL B 43 8.81 -4.08 -7.94
N GLU B 44 9.28 -5.30 -7.71
CA GLU B 44 9.17 -5.95 -6.39
C GLU B 44 10.01 -5.22 -5.32
N ASP B 45 11.19 -4.74 -5.70
CA ASP B 45 12.06 -3.99 -4.79
C ASP B 45 11.53 -2.59 -4.48
N PHE B 46 10.83 -1.97 -5.44
CA PHE B 46 10.11 -0.70 -5.20
C PHE B 46 9.09 -0.89 -4.09
N TRP B 47 8.25 -1.91 -4.24
CA TRP B 47 7.21 -2.19 -3.24
C TRP B 47 7.78 -2.58 -1.89
N ALA B 48 8.90 -3.31 -1.88
CA ALA B 48 9.61 -3.61 -0.64
C ALA B 48 10.10 -2.32 0.04
N LEU B 49 10.64 -1.38 -0.73
CA LEU B 49 11.06 -0.08 -0.20
C LEU B 49 9.86 0.74 0.32
N TYR B 50 8.80 0.84 -0.48
CA TYR B 50 7.61 1.62 -0.11
C TYR B 50 6.93 1.11 1.18
N ASN B 51 6.85 -0.20 1.33
CA ASN B 51 6.25 -0.81 2.53
C ASN B 51 6.98 -0.47 3.83
N HIS B 52 8.30 -0.35 3.75
CA HIS B 52 9.14 -0.23 4.94
C HIS B 52 9.75 1.16 5.17
N ILE B 53 9.12 2.20 4.62
CA ILE B 53 9.50 3.60 4.93
C ILE B 53 8.28 4.37 5.39
N GLN B 54 8.52 5.47 6.10
CA GLN B 54 7.45 6.33 6.59
C GLN B 54 6.69 6.98 5.45
N LEU B 55 5.40 7.19 5.67
CA LEU B 55 4.58 8.00 4.78
C LEU B 55 5.06 9.46 4.79
N SER B 56 4.76 10.16 3.69
CA SER B 56 5.04 11.60 3.56
C SER B 56 4.32 12.41 4.63
N SER B 57 3.09 12.01 4.95
CA SER B 57 2.27 12.64 5.96
C SER B 57 2.85 12.59 7.39
N ASN B 58 3.74 11.65 7.67
CA ASN B 58 4.37 11.51 8.99
C ASN B 58 5.82 12.02 9.06
N LEU B 59 6.31 12.70 8.01
CA LEU B 59 7.59 13.39 8.11
C LEU B 59 7.43 14.66 8.92
N MET B 60 8.53 15.13 9.50
CA MET B 60 8.53 16.40 10.24
C MET B 60 8.46 17.55 9.25
N PRO B 61 7.86 18.69 9.66
CA PRO B 61 7.82 19.86 8.75
C PRO B 61 9.21 20.30 8.32
N GLY B 62 9.37 20.64 7.05
CA GLY B 62 10.66 20.99 6.46
C GLY B 62 11.39 19.84 5.77
N CYS B 63 10.93 18.61 5.96
CA CYS B 63 11.56 17.43 5.33
C CYS B 63 10.99 17.14 3.94
N ASP B 64 11.78 16.46 3.11
CA ASP B 64 11.36 16.02 1.76
C ASP B 64 11.68 14.55 1.50
N TYR B 65 10.92 13.93 0.61
CA TYR B 65 11.37 12.74 -0.11
C TYR B 65 11.60 13.13 -1.56
N SER B 66 12.55 12.49 -2.22
CA SER B 66 12.77 12.67 -3.66
C SER B 66 13.03 11.31 -4.30
N LEU B 67 12.40 11.03 -5.45
CA LEU B 67 12.76 9.88 -6.26
C LEU B 67 13.33 10.38 -7.58
N PHE B 68 14.58 9.99 -7.86
CA PHE B 68 15.30 10.44 -9.07
C PHE B 68 16.00 9.27 -9.75
N LYS B 69 16.15 9.38 -11.06
CA LYS B 69 16.88 8.37 -11.83
C LYS B 69 18.31 8.30 -11.33
N ASP B 70 18.83 7.07 -11.30
CA ASP B 70 20.18 6.80 -10.83
C ASP B 70 21.17 7.72 -11.55
N GLY B 71 21.96 8.46 -10.77
CA GLY B 71 22.95 9.38 -11.31
C GLY B 71 22.52 10.84 -11.38
N ILE B 72 21.24 11.11 -11.16
CA ILE B 72 20.72 12.48 -11.11
C ILE B 72 20.53 12.86 -9.64
N GLU B 73 21.33 13.79 -9.15
CA GLU B 73 21.14 14.33 -7.80
C GLU B 73 19.89 15.19 -7.77
N PRO B 74 19.14 15.18 -6.65
CA PRO B 74 17.89 15.97 -6.55
C PRO B 74 18.12 17.49 -6.33
N MET B 75 18.92 18.11 -7.20
CA MET B 75 19.34 19.50 -7.06
C MET B 75 19.31 20.20 -8.41
N TRP B 76 19.08 21.50 -8.38
CA TRP B 76 19.06 22.31 -9.60
C TRP B 76 20.39 22.23 -10.36
N GLU B 77 21.50 22.16 -9.63
CA GLU B 77 22.84 22.25 -10.22
C GLU B 77 23.30 20.99 -10.97
N ASP B 78 22.60 19.87 -10.81
CA ASP B 78 22.87 18.67 -11.61
C ASP B 78 22.72 19.01 -13.08
N GLU B 79 23.59 18.44 -13.91
CA GLU B 79 23.61 18.65 -15.35
C GLU B 79 22.21 18.46 -15.96
N LYS B 80 21.55 17.37 -15.59
CA LYS B 80 20.24 17.01 -16.15
C LYS B 80 19.06 17.83 -15.56
N ASN B 81 19.29 18.63 -14.51
CA ASN B 81 18.26 19.53 -13.94
C ASN B 81 18.43 21.03 -14.21
N LYS B 82 19.65 21.49 -14.47
CA LYS B 82 19.94 22.95 -14.49
C LYS B 82 19.22 23.76 -15.56
N ARG B 83 18.96 23.15 -16.71
CA ARG B 83 18.15 23.78 -17.76
C ARG B 83 16.67 23.38 -17.68
N GLY B 84 16.28 22.75 -16.56
CA GLY B 84 14.98 22.12 -16.41
C GLY B 84 14.00 22.94 -15.60
N GLY B 85 12.94 22.27 -15.16
CA GLY B 85 11.86 22.88 -14.43
C GLY B 85 11.02 21.84 -13.73
N ARG B 86 9.85 22.25 -13.24
CA ARG B 86 8.96 21.35 -12.50
C ARG B 86 7.49 21.65 -12.71
N TRP B 87 6.69 20.60 -12.88
CA TRP B 87 5.24 20.66 -12.73
C TRP B 87 4.95 20.59 -11.24
N LEU B 88 4.32 21.64 -10.71
CA LEU B 88 4.09 21.78 -9.28
C LEU B 88 2.61 21.68 -8.94
N ILE B 89 2.33 20.96 -7.87
CA ILE B 89 1.01 21.02 -7.24
C ILE B 89 1.25 21.40 -5.78
N THR B 90 0.50 22.38 -5.29
CA THR B 90 0.52 22.77 -3.88
C THR B 90 -0.80 22.36 -3.25
N LEU B 91 -0.73 21.73 -2.07
CA LEU B 91 -1.90 21.28 -1.34
C LEU B 91 -2.21 22.23 -0.19
N ASN B 92 -3.49 22.52 0.04
CA ASN B 92 -3.91 23.32 1.20
C ASN B 92 -3.81 22.51 2.50
N LYS B 93 -4.01 23.18 3.64
CA LYS B 93 -3.84 22.56 4.97
C LYS B 93 -4.83 21.42 5.24
N GLN B 94 -6.11 21.65 4.97
CA GLN B 94 -7.16 20.61 5.10
C GLN B 94 -7.09 19.67 3.90
N GLN B 95 -6.05 18.83 3.88
CA GLN B 95 -5.71 18.01 2.71
C GLN B 95 -4.58 16.99 2.93
N ARG B 96 -3.59 17.32 3.75
CA ARG B 96 -2.52 16.39 4.15
C ARG B 96 -3.03 15.02 4.63
N ARG B 97 -4.13 15.01 5.38
CA ARG B 97 -4.75 13.75 5.84
C ARG B 97 -5.33 12.95 4.68
N SER B 98 -6.04 13.64 3.78
CA SER B 98 -6.81 13.00 2.71
C SER B 98 -5.99 12.65 1.45
N ASP B 99 -5.22 13.61 0.94
CA ASP B 99 -4.63 13.53 -0.42
C ASP B 99 -3.11 13.37 -0.54
N LEU B 100 -2.34 13.75 0.48
CA LEU B 100 -0.87 13.82 0.34
C LEU B 100 -0.24 12.48 -0.02
N ASP B 101 -0.54 11.47 0.78
CA ASP B 101 0.08 10.14 0.60
C ASP B 101 -0.38 9.49 -0.70
N ARG B 102 -1.67 9.65 -1.02
CA ARG B 102 -2.25 9.16 -2.29
C ARG B 102 -1.55 9.75 -3.52
N PHE B 103 -1.38 11.07 -3.55
CA PHE B 103 -0.73 11.78 -4.66
C PHE B 103 0.76 11.42 -4.81
N TRP B 104 1.45 11.25 -3.69
CA TRP B 104 2.86 10.90 -3.72
C TRP B 104 3.08 9.49 -4.27
N LEU B 105 2.30 8.53 -3.79
CA LEU B 105 2.36 7.17 -4.33
C LEU B 105 2.07 7.15 -5.81
N GLU B 106 1.06 7.91 -6.25
CA GLU B 106 0.72 7.96 -7.68
C GLU B 106 1.83 8.57 -8.50
N THR B 107 2.49 9.58 -7.93
CA THR B 107 3.66 10.20 -8.53
C THR B 107 4.79 9.20 -8.69
N LEU B 108 5.07 8.40 -7.66
CA LEU B 108 6.11 7.37 -7.73
C LEU B 108 5.79 6.36 -8.84
N LEU B 109 4.52 5.95 -8.92
CA LEU B 109 4.05 5.03 -9.96
C LEU B 109 4.15 5.61 -11.38
N CYS B 110 3.87 6.90 -11.55
CA CYS B 110 4.07 7.56 -12.85
C CYS B 110 5.55 7.47 -13.29
N LEU B 111 6.45 7.76 -12.36
CA LEU B 111 7.89 7.73 -12.61
C LEU B 111 8.38 6.33 -12.97
N ILE B 112 8.19 5.36 -12.06
CA ILE B 112 8.78 4.03 -12.26
C ILE B 112 8.08 3.30 -13.41
N GLY B 113 6.81 3.64 -13.62
CA GLY B 113 6.01 3.12 -14.71
C GLY B 113 6.32 3.67 -16.09
N GLU B 114 7.22 4.66 -16.20
CA GLU B 114 7.58 5.24 -17.49
C GLU B 114 6.33 5.71 -18.21
N SER B 115 5.52 6.49 -17.50
CA SER B 115 4.13 6.76 -17.88
C SER B 115 3.93 7.90 -18.87
N PHE B 116 5.03 8.54 -19.29
CA PHE B 116 4.99 9.73 -20.10
C PHE B 116 5.35 9.48 -21.58
N ASP B 117 5.17 8.23 -22.03
CA ASP B 117 5.22 7.88 -23.46
C ASP B 117 6.58 8.20 -24.11
N ASP B 118 6.60 9.01 -25.16
CA ASP B 118 7.85 9.38 -25.85
C ASP B 118 8.69 10.38 -25.07
N TYR B 119 8.14 10.97 -24.00
CA TYR B 119 8.83 11.99 -23.21
C TYR B 119 9.20 11.54 -21.79
N SER B 120 9.17 10.24 -21.53
CA SER B 120 9.63 9.67 -20.24
C SER B 120 11.10 9.97 -19.94
N ASP B 121 11.92 10.06 -20.99
CA ASP B 121 13.33 10.41 -20.82
C ASP B 121 13.58 11.89 -20.52
N ASP B 122 12.57 12.75 -20.69
CA ASP B 122 12.63 14.14 -20.20
C ASP B 122 12.43 14.26 -18.68
N VAL B 123 11.87 13.22 -18.05
CA VAL B 123 11.57 13.25 -16.61
C VAL B 123 12.81 12.84 -15.82
N CYS B 124 13.21 13.68 -14.85
CA CYS B 124 14.34 13.40 -13.99
C CYS B 124 13.93 12.74 -12.67
N GLY B 125 12.84 13.21 -12.08
CA GLY B 125 12.40 12.73 -10.78
C GLY B 125 11.23 13.49 -10.22
N ALA B 126 10.91 13.23 -8.95
CA ALA B 126 9.87 13.96 -8.24
C ALA B 126 10.29 14.28 -6.80
N VAL B 127 9.66 15.30 -6.23
CA VAL B 127 9.93 15.73 -4.86
C VAL B 127 8.61 16.04 -4.18
N VAL B 128 8.46 15.58 -2.94
CA VAL B 128 7.34 15.96 -2.09
C VAL B 128 7.92 16.80 -0.94
N ASN B 129 7.44 18.04 -0.80
CA ASN B 129 7.85 18.95 0.28
C ASN B 129 6.79 18.93 1.37
N VAL B 130 7.15 18.49 2.57
CA VAL B 130 6.23 18.51 3.71
C VAL B 130 6.45 19.80 4.49
N ARG B 131 5.46 20.71 4.44
CA ARG B 131 5.57 22.05 5.04
C ARG B 131 4.33 22.40 5.85
N ALA B 132 4.51 23.25 6.87
CA ALA B 132 3.43 23.65 7.77
C ALA B 132 2.35 24.48 7.06
N LYS B 133 2.77 25.40 6.19
CA LYS B 133 1.82 26.22 5.41
C LYS B 133 1.02 25.44 4.36
N GLY B 134 1.60 24.35 3.86
CA GLY B 134 0.96 23.57 2.80
C GLY B 134 1.98 22.75 2.01
N ASP B 135 1.63 21.48 1.78
CA ASP B 135 2.56 20.54 1.17
C ASP B 135 2.65 20.76 -0.35
N LYS B 136 3.75 20.31 -0.93
CA LYS B 136 3.97 20.43 -2.37
C LYS B 136 4.46 19.10 -2.93
N ILE B 137 4.01 18.76 -4.14
CA ILE B 137 4.56 17.65 -4.89
C ILE B 137 4.91 18.17 -6.27
N ALA B 138 6.06 17.76 -6.79
CA ALA B 138 6.46 18.17 -8.12
C ALA B 138 7.20 17.10 -8.90
N ILE B 139 7.00 17.07 -10.22
CA ILE B 139 7.81 16.28 -11.12
C ILE B 139 8.82 17.22 -11.77
N TRP B 140 10.10 16.86 -11.67
CA TRP B 140 11.19 17.64 -12.26
C TRP B 140 11.51 17.08 -13.64
N THR B 141 11.57 17.96 -14.65
CA THR B 141 11.89 17.59 -16.03
C THR B 141 13.19 18.24 -16.47
N THR B 142 13.78 17.72 -17.55
CA THR B 142 15.17 18.01 -17.89
C THR B 142 15.39 19.33 -18.65
N GLU B 143 14.45 19.69 -19.53
CA GLU B 143 14.59 20.89 -20.37
C GLU B 143 13.30 21.72 -20.35
N CYS B 144 13.36 22.90 -19.71
CA CYS B 144 12.20 23.78 -19.54
C CYS B 144 11.64 24.40 -20.82
N GLU B 145 12.48 24.53 -21.86
CA GLU B 145 12.06 25.11 -23.13
C GLU B 145 11.56 24.09 -24.17
N ASN B 146 11.54 22.80 -23.81
CA ASN B 146 10.97 21.74 -24.66
C ASN B 146 9.45 21.74 -24.46
N ARG B 147 8.74 22.51 -25.30
CA ARG B 147 7.31 22.81 -25.10
C ARG B 147 6.40 21.60 -25.22
N GLU B 148 6.63 20.76 -26.24
CA GLU B 148 5.81 19.57 -26.48
C GLU B 148 5.96 18.54 -25.35
N ALA B 149 7.20 18.33 -24.89
CA ALA B 149 7.50 17.37 -23.83
C ALA B 149 6.93 17.79 -22.48
N VAL B 150 7.18 19.05 -22.09
CA VAL B 150 6.69 19.60 -20.82
C VAL B 150 5.16 19.50 -20.74
N THR B 151 4.50 19.99 -21.77
CA THR B 151 3.03 20.01 -21.84
C THR B 151 2.42 18.58 -21.82
N HIS B 152 3.04 17.65 -22.53
CA HIS B 152 2.59 16.26 -22.53
C HIS B 152 2.71 15.65 -21.12
N ILE B 153 3.87 15.87 -20.50
CA ILE B 153 4.14 15.39 -19.14
C ILE B 153 3.11 15.96 -18.16
N GLY B 154 2.84 17.25 -18.26
CA GLY B 154 1.85 17.92 -17.43
C GLY B 154 0.45 17.34 -17.54
N ARG B 155 0.00 17.15 -18.78
CA ARG B 155 -1.34 16.61 -19.03
C ARG B 155 -1.47 15.20 -18.47
N VAL B 156 -0.48 14.35 -18.71
CA VAL B 156 -0.47 12.98 -18.18
C VAL B 156 -0.50 13.01 -16.65
N TYR B 157 0.31 13.87 -16.06
CA TYR B 157 0.43 13.95 -14.60
C TYR B 157 -0.85 14.38 -13.90
N LYS B 158 -1.50 15.42 -14.42
CA LYS B 158 -2.77 15.89 -13.85
C LYS B 158 -3.85 14.80 -13.93
N GLU B 159 -3.96 14.15 -15.07
CA GLU B 159 -4.94 13.07 -15.26
C GLU B 159 -4.70 11.94 -14.27
N ARG B 160 -3.44 11.50 -14.16
CA ARG B 160 -3.08 10.38 -13.27
C ARG B 160 -3.36 10.66 -11.79
N LEU B 161 -3.15 11.90 -11.36
CA LEU B 161 -3.46 12.31 -9.97
C LEU B 161 -4.96 12.37 -9.65
N GLY B 162 -5.82 12.38 -10.67
CA GLY B 162 -7.27 12.41 -10.47
C GLY B 162 -7.83 13.81 -10.28
N LEU B 163 -7.04 14.83 -10.61
CA LEU B 163 -7.43 16.22 -10.34
C LEU B 163 -8.53 16.67 -11.30
N PRO B 164 -9.59 17.31 -10.76
CA PRO B 164 -10.65 17.80 -11.63
C PRO B 164 -10.19 19.03 -12.41
N PRO B 165 -10.96 19.42 -13.46
CA PRO B 165 -10.57 20.53 -14.33
C PRO B 165 -10.21 21.85 -13.62
N LYS B 166 -10.89 22.15 -12.50
CA LYS B 166 -10.77 23.45 -11.84
C LYS B 166 -9.47 23.67 -11.05
N ILE B 167 -8.79 22.61 -10.62
CA ILE B 167 -7.54 22.76 -9.85
C ILE B 167 -6.38 22.63 -10.83
N VAL B 168 -5.55 23.68 -10.85
CA VAL B 168 -4.68 23.95 -11.98
C VAL B 168 -3.23 23.87 -11.51
N ILE B 169 -2.47 22.96 -12.12
CA ILE B 169 -1.06 22.76 -11.80
C ILE B 169 -0.19 23.57 -12.77
N GLY B 170 0.96 24.05 -12.28
CA GLY B 170 1.82 24.99 -13.03
C GLY B 170 3.24 24.48 -13.28
N TYR B 171 3.79 24.83 -14.44
CA TYR B 171 5.19 24.56 -14.76
C TYR B 171 6.04 25.83 -14.62
N GLN B 172 7.14 25.73 -13.88
CA GLN B 172 8.14 26.80 -13.79
C GLN B 172 9.54 26.19 -13.98
N SER B 173 10.42 26.93 -14.65
CA SER B 173 11.82 26.55 -14.74
C SER B 173 12.46 26.69 -13.37
N HIS B 174 13.53 25.93 -13.15
CA HIS B 174 14.27 26.04 -11.88
C HIS B 174 14.93 27.42 -11.72
N ALA B 175 15.32 28.04 -12.84
CA ALA B 175 15.85 29.42 -12.84
C ALA B 175 14.83 30.46 -12.37
N ASP B 176 13.56 30.26 -12.72
CA ASP B 176 12.47 31.13 -12.23
C ASP B 176 12.30 31.03 -10.71
N THR B 177 12.46 29.83 -10.16
CA THR B 177 12.37 29.59 -8.71
C THR B 177 13.56 30.18 -7.95
N ALA B 178 14.76 30.08 -8.54
CA ALA B 178 15.97 30.69 -7.98
C ALA B 178 16.16 32.09 -8.56
N LYS B 186 5.95 33.25 -11.95
CA LYS B 186 4.82 33.00 -12.85
C LYS B 186 4.99 31.70 -13.65
N ASN B 187 3.86 31.08 -13.96
CA ASN B 187 3.84 29.78 -14.65
C ASN B 187 4.11 29.94 -16.16
N ARG B 188 5.05 29.14 -16.66
CA ARG B 188 5.32 29.06 -18.10
C ARG B 188 4.15 28.36 -18.79
N PHE B 189 3.72 27.24 -18.21
CA PHE B 189 2.57 26.47 -18.69
C PHE B 189 1.64 26.10 -17.55
N VAL B 190 0.41 25.77 -17.89
CA VAL B 190 -0.61 25.36 -16.94
C VAL B 190 -1.45 24.23 -17.55
N VAL B 191 -1.92 23.32 -16.70
CA VAL B 191 -2.92 22.30 -17.08
C VAL B 191 -3.90 22.09 -15.94
C ACE C 1 9.96 -1.72 -18.46
O ACE C 1 10.90 -2.51 -18.64
CH3 ACE C 1 9.90 -0.91 -17.18
N ARG C 2 8.97 -1.53 -19.36
CA ARG C 2 7.83 -0.56 -19.29
C ARG C 2 6.56 -1.30 -18.90
N TYR C 3 5.99 -0.94 -17.75
CA TYR C 3 4.78 -1.58 -17.24
C TYR C 3 3.65 -0.59 -17.19
N SER C 4 2.45 -1.06 -17.46
CA SER C 4 1.24 -0.28 -17.20
C SER C 4 1.09 -0.10 -15.69
N ARG C 5 0.29 0.89 -15.31
CA ARG C 5 -0.08 1.09 -13.91
C ARG C 5 -0.61 -0.20 -13.27
C MK8 C 6 -1.08 -3.17 -13.25
N MK8 C 6 -1.51 -0.89 -14.00
O MK8 C 6 -1.18 -3.79 -12.19
CA MK8 C 6 -2.13 -2.16 -13.61
CB MK8 C 6 -2.94 -2.71 -14.79
CD MK8 C 6 -2.93 -5.26 -15.16
CE MK8 C 6 -3.65 -6.52 -14.74
CG MK8 C 6 -3.65 -4.06 -14.55
CB1 MK8 C 6 -3.08 -1.88 -12.44
N GLN C 7 -0.12 -3.34 -14.08
CA GLN C 7 0.96 -4.31 -13.85
C GLN C 7 1.79 -4.01 -12.60
N LEU C 8 2.08 -2.74 -12.36
CA LEU C 8 2.81 -2.33 -11.16
C LEU C 8 2.05 -2.74 -9.88
N LEU C 9 0.75 -2.48 -9.84
CA LEU C 9 -0.04 -2.77 -8.64
C LEU C 9 -0.38 -4.26 -8.46
C MK8 C 10 0.38 -7.11 -8.76
N MK8 C 10 -0.53 -5.01 -9.56
O MK8 C 10 0.16 -8.12 -8.08
CA MK8 C 10 -0.78 -6.45 -9.49
CB MK8 C 10 -0.80 -7.09 -10.88
CD MK8 C 10 -1.92 -7.43 -13.10
CE MK8 C 10 -3.23 -7.45 -13.86
CG MK8 C 10 -2.13 -7.00 -11.64
CB1 MK8 C 10 -2.11 -6.73 -8.75
N LEU C 11 1.54 -6.59 -8.89
CA LEU C 11 2.75 -7.11 -8.23
C LEU C 11 2.94 -6.72 -6.76
N PHE C 12 2.14 -5.79 -6.26
CA PHE C 12 2.07 -5.53 -4.82
C PHE C 12 1.35 -6.70 -4.15
N ARG C 13 1.99 -7.32 -3.16
CA ARG C 13 1.50 -8.56 -2.56
C ARG C 13 1.57 -8.57 -1.04
N NH2 C 14 0.70 -9.44 -0.33
C ACE D 1 -17.99 -10.94 -6.72
O ACE D 1 -17.85 -12.06 -6.20
CH3 ACE D 1 -18.19 -10.86 -8.23
N ARG D 2 -17.99 -9.81 -5.95
CA ARG D 2 -18.14 -8.39 -6.39
C ARG D 2 -16.88 -7.89 -7.07
N TYR D 3 -15.74 -7.98 -6.37
CA TYR D 3 -14.44 -7.58 -6.93
C TYR D 3 -13.48 -8.76 -7.00
N SER D 4 -12.79 -8.87 -8.12
CA SER D 4 -11.63 -9.73 -8.24
C SER D 4 -10.47 -9.14 -7.44
N ARG D 5 -9.44 -9.94 -7.20
CA ARG D 5 -8.21 -9.48 -6.58
C ARG D 5 -7.62 -8.29 -7.35
C MK8 D 6 -7.75 -6.04 -9.36
N MK8 D 6 -7.55 -8.39 -8.70
O MK8 D 6 -7.09 -5.01 -9.20
CA MK8 D 6 -7.04 -7.36 -9.60
CB MK8 D 6 -7.25 -7.78 -11.07
CD MK8 D 6 -8.05 -5.86 -12.63
CE MK8 D 6 -7.51 -4.87 -13.65
CG MK8 D 6 -6.90 -6.74 -12.15
CB1 MK8 D 6 -5.54 -7.22 -9.36
N GLN D 7 -9.03 -6.06 -9.31
CA GLN D 7 -9.80 -4.82 -9.07
C GLN D 7 -9.53 -4.16 -7.72
N LEU D 8 -9.36 -4.95 -6.65
CA LEU D 8 -9.02 -4.39 -5.35
C LEU D 8 -7.72 -3.62 -5.39
N LEU D 9 -6.71 -4.20 -6.04
CA LEU D 9 -5.40 -3.58 -6.14
C LEU D 9 -5.40 -2.36 -7.04
C MK8 D 10 -6.86 -0.05 -8.41
N MK8 D 10 -6.17 -2.39 -8.13
O MK8 D 10 -6.49 1.04 -8.82
CA MK8 D 10 -6.35 -1.31 -9.09
CB MK8 D 10 -7.41 -1.68 -10.14
CD MK8 D 10 -8.03 -2.74 -12.37
CE MK8 D 10 -7.50 -3.53 -13.53
CG MK8 D 10 -6.92 -2.48 -11.36
CB1 MK8 D 10 -5.01 -1.00 -9.74
N LEU D 11 -7.64 -0.20 -7.40
CA LEU D 11 -8.22 0.91 -6.65
C LEU D 11 -7.37 1.42 -5.47
N PHE D 12 -6.14 0.90 -5.32
CA PHE D 12 -5.14 1.50 -4.45
C PHE D 12 -4.51 2.66 -5.24
N ARG D 13 -4.71 3.88 -4.75
CA ARG D 13 -4.30 5.10 -5.47
C ARG D 13 -3.19 5.84 -4.72
N NH2 D 14 -3.12 5.73 -3.32
O3A MGT E . -1.73 -16.97 21.91
PA MGT E . -3.24 -16.38 21.85
O1A MGT E . -3.16 -14.88 21.72
O2A MGT E . -4.02 -17.19 20.83
O5' MGT E . -3.81 -16.73 23.30
C5' MGT E . -3.08 -16.49 24.49
C4' MGT E . -4.03 -16.37 25.68
O4' MGT E . -4.99 -15.33 25.48
C3' MGT E . -4.83 -17.65 25.94
O3' MGT E . -4.17 -18.49 26.90
C2' MGT E . -6.18 -17.16 26.42
O2' MGT E . -6.30 -17.21 27.85
C1' MGT E . -6.30 -15.73 25.92
N9 MGT E . -7.34 -15.64 24.87
C8 MGT E . -6.85 -15.83 23.49
N7 MGT E . -8.13 -15.68 22.81
CM7 MGT E . -8.01 -15.81 21.34
C5 MGT E . -9.17 -15.47 23.61
C6 MGT E . -10.61 -15.26 23.38
O6 MGT E . -11.11 -15.28 22.22
N1 MGT E . -11.40 -15.07 24.46
C2 MGT E . -10.89 -15.05 25.72
N2 MGT E . -11.73 -14.84 26.76
N3 MGT E . -9.56 -15.22 26.01
C4 MGT E . -8.66 -15.44 25.00
I IOD F . 5.29 -12.52 23.07
I IOD G . -4.03 7.21 1.42
C1 GOL H . 4.02 1.72 6.57
O1 GOL H . 4.06 2.96 7.30
C2 GOL H . 2.87 1.81 5.59
O2 GOL H . 3.32 2.57 4.44
C3 GOL H . 2.36 0.42 5.17
O3 GOL H . 1.98 0.37 3.78
CL CL I . 1.30 -13.80 -1.05
O3A MGT J . 13.09 23.01 -0.95
PA MGT J . 12.31 24.24 -1.36
O1A MGT J . 11.23 24.55 -0.21
O2A MGT J . 11.65 24.29 -2.72
O5' MGT J . 13.30 25.50 -1.30
C5' MGT J . 13.60 26.21 -0.11
C4' MGT J . 15.00 26.80 -0.17
O4' MGT J . 15.98 25.77 -0.19
C3' MGT J . 15.27 27.66 -1.41
O3' MGT J . 14.93 29.03 -1.18
C2' MGT J . 16.74 27.44 -1.69
O2' MGT J . 17.55 28.45 -1.06
C1' MGT J . 17.05 26.07 -1.10
N9 MGT J . 17.18 25.07 -2.21
C8 MGT J . 15.99 24.26 -2.50
N7 MGT J . 16.56 23.48 -3.60
CM7 MGT J . 15.59 22.50 -4.16
C5 MGT J . 17.82 23.78 -3.90
C6 MGT J . 18.78 23.27 -4.90
O6 MGT J . 18.47 22.37 -5.70
N1 MGT J . 20.00 23.83 -4.90
C2 MGT J . 20.36 24.82 -4.03
N2 MGT J . 21.60 25.35 -4.08
N3 MGT J . 19.51 25.33 -3.08
C4 MGT J . 18.26 24.86 -2.97
I IOD K . -5.54 1.08 -13.63
I IOD L . -3.66 -10.93 -9.81
I IOD M . -7.22 -7.78 -16.90
#